data_7M4G
#
_entry.id   7M4G
#
_cell.length_a   55.997
_cell.length_b   62.235
_cell.length_c   141.114
_cell.angle_alpha   90.000
_cell.angle_beta   90.000
_cell.angle_gamma   90.000
#
_symmetry.space_group_name_H-M   'P 21 21 21'
#
loop_
_entity.id
_entity.type
_entity.pdbx_description
1 polymer 'DNA polymerase lambda'
2 polymer "DNA (5'-D(*CP*GP*GP*CP*AP*GP*TP*AP*CP*TP*G)-3')"
3 polymer "DNA (5'-D(*CP*AP*GP*TP*AP*CP*C)-3')"
4 polymer "DNA (5'-D(P*GP*CP*CP*G)-3')"
5 non-polymer 'SODIUM ION'
6 non-polymer 'MAGNESIUM ION'
7 non-polymer 1,2-ETHANEDIOL
8 non-polymer 'PHOSPHATE ION'
9 water water
#
loop_
_entity_poly.entity_id
_entity_poly.type
_entity_poly.pdbx_seq_one_letter_code
_entity_poly.pdbx_strand_id
1 'polypeptide(L)'
;AQPSSQKATNHNLHITEKLEVLAKAYSVQGDKWRALGYAKAINALKSFHKPVTSYQEACSIPGIGKRMAEKIIEILESGH
LRKLDHISESVPVLELFSNIWGAGTKTAQMWYQQGFRSLEDIRSQASLTTQQAIGLKHYSDFLERMPREEATEIEQTVQK
AAQAFNSGLLCVACGSYRRGKATCGDVDVLITHPDGRSHRGIFSRLLDSLRQEGFLTDDLVKGETKYLGVCRLPGPGRRH
RRLDIIVVPYSEFACALLYFTGSAHFNRSMRALAKTKGMSLSEHALSTAVVRNTHGAKVGPGRVLPTPTEKDVFRLLGLP
YREPAERDW
;
A
2 'polydeoxyribonucleotide' (DC)(DG)(DG)(DC)(DA)(DG)(DT)(DA)(DC)(DT)(DG) T
3 'polydeoxyribonucleotide' (DC)(DA)(DG)(DT)(DA)(DC)(DC) P
4 'polydeoxyribonucleotide' (DG)(DC)(DC)(DG) D
#
loop_
_chem_comp.id
_chem_comp.type
_chem_comp.name
_chem_comp.formula
DA DNA linking 2'-DEOXYADENOSINE-5'-MONOPHOSPHATE 'C10 H14 N5 O6 P'
DC DNA linking 2'-DEOXYCYTIDINE-5'-MONOPHOSPHATE 'C9 H14 N3 O7 P'
DG DNA linking 2'-DEOXYGUANOSINE-5'-MONOPHOSPHATE 'C10 H14 N5 O7 P'
DT DNA linking THYMIDINE-5'-MONOPHOSPHATE 'C10 H15 N2 O8 P'
EDO non-polymer 1,2-ETHANEDIOL 'C2 H6 O2'
MG non-polymer 'MAGNESIUM ION' 'Mg 2'
NA non-polymer 'SODIUM ION' 'Na 1'
PO4 non-polymer 'PHOSPHATE ION' 'O4 P -3'
#
# COMPACT_ATOMS: atom_id res chain seq x y z
N ASN A 10 -7.66 20.83 4.11
CA ASN A 10 -7.80 20.29 5.46
C ASN A 10 -7.97 21.40 6.48
N HIS A 11 -9.19 21.63 6.92
CA HIS A 11 -9.40 22.69 7.89
C HIS A 11 -9.20 22.22 9.32
N ASN A 12 -8.59 21.06 9.53
CA ASN A 12 -8.47 20.48 10.86
C ASN A 12 -7.10 19.86 11.12
N LEU A 13 -6.03 20.42 10.57
CA LEU A 13 -4.72 19.85 10.89
C LEU A 13 -4.35 20.09 12.34
N HIS A 14 -4.96 21.06 13.01
CA HIS A 14 -4.76 21.18 14.45
C HIS A 14 -5.26 19.93 15.17
N ILE A 15 -6.23 19.23 14.59
CA ILE A 15 -6.63 17.93 15.14
C ILE A 15 -5.85 16.78 14.49
N THR A 16 -5.67 16.84 13.17
CA THR A 16 -5.20 15.68 12.43
C THR A 16 -3.77 15.32 12.81
N GLU A 17 -2.87 16.30 12.86
CA GLU A 17 -1.49 15.94 13.13
C GLU A 17 -1.35 15.35 14.55
N LYS A 18 -2.21 15.77 15.47
CA LYS A 18 -2.17 15.16 16.80
C LYS A 18 -2.63 13.70 16.77
N LEU A 19 -3.75 13.44 16.08
CA LEU A 19 -4.27 12.08 16.00
C LEU A 19 -3.32 11.15 15.25
N GLU A 20 -2.53 11.69 14.30
CA GLU A 20 -1.63 10.83 13.55
C GLU A 20 -0.54 10.25 14.44
N VAL A 21 -0.08 11.00 15.44
CA VAL A 21 0.88 10.46 16.40
C VAL A 21 0.32 9.22 17.07
N LEU A 22 -0.93 9.30 17.54
CA LEU A 22 -1.56 8.16 18.17
C LEU A 22 -1.73 7.02 17.17
N ALA A 23 -2.30 7.32 16.01
CA ALA A 23 -2.48 6.28 15.00
C ALA A 23 -1.18 5.50 14.83
N LYS A 24 -0.08 6.21 14.62
CA LYS A 24 1.18 5.52 14.36
C LYS A 24 1.63 4.73 15.59
N ALA A 25 1.40 5.25 16.78
CA ALA A 25 1.83 4.56 18.00
C ALA A 25 1.09 3.24 18.15
N TYR A 26 -0.21 3.23 17.91
CA TYR A 26 -0.98 1.99 17.94
C TYR A 26 -0.57 1.04 16.82
N SER A 27 -0.29 1.58 15.63
CA SER A 27 0.08 0.73 14.51
C SER A 27 1.37 -0.03 14.81
N VAL A 28 2.45 0.68 15.18
CA VAL A 28 3.72 0.00 15.38
C VAL A 28 3.70 -0.89 16.63
N GLN A 29 2.78 -0.64 17.57
CA GLN A 29 2.61 -1.54 18.71
C GLN A 29 1.70 -2.72 18.38
N GLY A 30 1.17 -2.79 17.16
CA GLY A 30 0.42 -3.95 16.72
C GLY A 30 -1.07 -3.89 16.92
N ASP A 31 -1.61 -2.84 17.52
CA ASP A 31 -3.06 -2.72 17.69
C ASP A 31 -3.64 -2.22 16.36
N LYS A 32 -3.76 -3.14 15.41
CA LYS A 32 -4.09 -2.70 14.06
C LYS A 32 -5.52 -2.20 13.95
N TRP A 33 -6.43 -2.69 14.78
CA TRP A 33 -7.83 -2.29 14.64
C TRP A 33 -8.05 -0.88 15.17
N ARG A 34 -7.51 -0.59 16.36
CA ARG A 34 -7.50 0.78 16.85
C ARG A 34 -6.83 1.71 15.85
N ALA A 35 -5.69 1.29 15.31
CA ALA A 35 -4.98 2.14 14.36
C ALA A 35 -5.82 2.38 13.12
N LEU A 36 -6.58 1.37 12.69
CA LEU A 36 -7.51 1.56 11.58
C LEU A 36 -8.56 2.61 11.93
N GLY A 37 -9.16 2.49 13.11
CA GLY A 37 -10.15 3.47 13.52
C GLY A 37 -9.61 4.88 13.47
N TYR A 38 -8.40 5.09 14.00
CA TYR A 38 -7.82 6.42 13.96
C TYR A 38 -7.60 6.89 12.53
N ALA A 39 -7.08 6.01 11.66
CA ALA A 39 -6.84 6.40 10.28
C ALA A 39 -8.13 6.81 9.59
N LYS A 40 -9.22 6.08 9.82
CA LYS A 40 -10.48 6.41 9.18
C LYS A 40 -11.01 7.76 9.68
N ALA A 41 -10.80 8.06 10.97
CA ALA A 41 -11.25 9.35 11.48
C ALA A 41 -10.38 10.48 10.95
N ILE A 42 -9.07 10.24 10.85
CA ILE A 42 -8.15 11.23 10.30
C ILE A 42 -8.56 11.60 8.88
N ASN A 43 -8.89 10.59 8.06
CA ASN A 43 -9.37 10.86 6.72
C ASN A 43 -10.67 11.66 6.76
N ALA A 44 -11.64 11.21 7.57
CA ALA A 44 -12.88 11.96 7.72
C ALA A 44 -12.60 13.39 8.13
N LEU A 45 -11.76 13.58 9.16
CA LEU A 45 -11.48 14.92 9.66
C LEU A 45 -10.93 15.79 8.55
N LYS A 46 -10.05 15.23 7.72
CA LYS A 46 -9.36 16.04 6.72
C LYS A 46 -10.19 16.32 5.48
N SER A 47 -11.32 15.62 5.28
CA SER A 47 -12.15 15.85 4.11
C SER A 47 -13.40 16.67 4.42
N PHE A 48 -13.72 16.92 5.68
CA PHE A 48 -14.89 17.74 5.95
C PHE A 48 -14.62 19.18 5.52
N HIS A 49 -15.70 19.93 5.29
CA HIS A 49 -15.63 21.22 4.63
C HIS A 49 -15.38 22.38 5.57
N LYS A 50 -15.34 22.16 6.88
CA LYS A 50 -15.18 23.26 7.82
C LYS A 50 -14.41 22.74 9.03
N PRO A 51 -13.81 23.64 9.82
CA PRO A 51 -13.34 23.25 11.15
C PRO A 51 -14.45 22.64 11.99
N VAL A 52 -14.13 21.60 12.73
CA VAL A 52 -15.11 21.05 13.67
C VAL A 52 -15.07 21.91 14.92
N THR A 53 -16.27 22.30 15.41
CA THR A 53 -16.40 23.27 16.47
C THR A 53 -17.11 22.77 17.73
N SER A 54 -17.76 21.61 17.70
CA SER A 54 -18.53 21.12 18.84
C SER A 54 -18.38 19.61 18.93
N TYR A 55 -18.75 19.06 20.09
CA TYR A 55 -18.77 17.61 20.26
C TYR A 55 -19.83 16.98 19.35
N GLN A 56 -21.04 17.57 19.31
CA GLN A 56 -22.09 17.04 18.45
C GLN A 56 -21.77 17.23 16.97
N GLU A 57 -20.96 18.24 16.63
CA GLU A 57 -20.43 18.31 15.27
C GLU A 57 -19.43 17.18 15.02
N ALA A 58 -18.58 16.90 16.00
CA ALA A 58 -17.65 15.79 15.87
C ALA A 58 -18.40 14.48 15.65
N CYS A 59 -19.42 14.22 16.48
CA CYS A 59 -20.20 13.01 16.33
C CYS A 59 -20.91 12.95 14.98
N SER A 60 -21.07 14.10 14.32
CA SER A 60 -21.87 14.15 13.10
C SER A 60 -21.16 13.46 11.93
N ILE A 61 -19.83 13.38 11.96
CA ILE A 61 -19.07 12.86 10.83
C ILE A 61 -18.88 11.34 10.97
N PRO A 62 -19.10 10.56 9.92
N PRO A 62 -19.09 10.56 9.92
CA PRO A 62 -18.88 9.11 10.04
CA PRO A 62 -18.87 9.11 10.03
C PRO A 62 -17.41 8.80 10.23
C PRO A 62 -17.40 8.80 10.24
N GLY A 63 -17.12 7.92 11.19
CA GLY A 63 -15.77 7.60 11.58
C GLY A 63 -15.34 8.25 12.88
N ILE A 64 -16.07 9.24 13.37
CA ILE A 64 -15.78 9.84 14.67
C ILE A 64 -16.89 9.44 15.63
N GLY A 65 -16.52 8.72 16.70
CA GLY A 65 -17.44 8.30 17.73
C GLY A 65 -17.21 9.01 19.04
N LYS A 66 -17.70 8.39 20.12
CA LYS A 66 -17.66 9.02 21.44
C LYS A 66 -16.23 9.36 21.84
N ARG A 67 -15.37 8.36 21.93
CA ARG A 67 -14.02 8.59 22.42
C ARG A 67 -13.26 9.55 21.50
N MET A 68 -13.45 9.43 20.19
CA MET A 68 -12.73 10.32 19.30
C MET A 68 -13.31 11.73 19.37
N ALA A 69 -14.64 11.85 19.45
CA ALA A 69 -15.25 13.14 19.72
C ALA A 69 -14.59 13.81 20.92
N GLU A 70 -14.51 13.11 22.04
CA GLU A 70 -13.90 13.65 23.24
C GLU A 70 -12.49 14.18 22.95
N LYS A 71 -11.70 13.42 22.19
CA LYS A 71 -10.32 13.80 21.95
C LYS A 71 -10.24 15.10 21.16
N ILE A 72 -11.17 15.32 20.23
CA ILE A 72 -11.19 16.61 19.54
C ILE A 72 -11.59 17.71 20.52
N ILE A 73 -12.54 17.42 21.42
CA ILE A 73 -12.94 18.40 22.43
C ILE A 73 -11.74 18.90 23.21
N GLU A 74 -10.83 17.98 23.59
CA GLU A 74 -9.65 18.38 24.35
C GLU A 74 -8.75 19.29 23.52
N ILE A 75 -8.44 18.90 22.29
CA ILE A 75 -7.60 19.74 21.43
C ILE A 75 -8.28 21.09 21.19
N LEU A 76 -9.59 21.08 20.93
CA LEU A 76 -10.33 22.31 20.68
C LEU A 76 -10.05 23.36 21.73
N GLU A 77 -9.79 22.94 22.96
CA GLU A 77 -9.72 23.86 24.08
C GLU A 77 -8.27 24.15 24.48
N SER A 78 -7.65 23.25 25.22
CA SER A 78 -6.31 23.49 25.73
C SER A 78 -5.25 23.43 24.64
N GLY A 79 -5.63 23.16 23.39
CA GLY A 79 -4.67 23.12 22.31
C GLY A 79 -3.72 21.94 22.33
N HIS A 80 -3.96 20.93 23.17
CA HIS A 80 -3.12 19.75 23.18
C HIS A 80 -3.94 18.57 23.66
N LEU A 81 -3.33 17.37 23.59
CA LEU A 81 -4.03 16.13 23.92
C LEU A 81 -3.23 15.36 24.95
N ARG A 82 -3.82 15.20 26.15
CA ARG A 82 -3.13 14.56 27.27
C ARG A 82 -2.50 13.24 26.85
N LYS A 83 -3.26 12.37 26.18
CA LYS A 83 -2.79 11.03 25.86
C LYS A 83 -1.42 11.05 25.20
N LEU A 84 -1.09 12.10 24.46
CA LEU A 84 0.15 12.10 23.68
C LEU A 84 1.37 12.03 24.58
N ASP A 85 1.29 12.52 25.82
CA ASP A 85 2.44 12.54 26.71
C ASP A 85 2.64 11.21 27.43
N HIS A 86 1.85 10.18 27.12
CA HIS A 86 1.99 8.89 27.76
C HIS A 86 2.28 7.78 26.76
N ILE A 87 2.73 8.14 25.57
CA ILE A 87 3.09 7.14 24.56
C ILE A 87 4.42 6.52 24.91
N SER A 88 4.49 5.20 24.87
CA SER A 88 5.69 4.50 25.30
C SER A 88 6.93 5.04 24.59
N GLU A 89 8.01 5.17 25.34
CA GLU A 89 9.28 5.58 24.76
C GLU A 89 9.76 4.62 23.69
N SER A 90 9.19 3.41 23.61
CA SER A 90 9.61 2.45 22.61
C SER A 90 9.07 2.77 21.22
N VAL A 91 8.07 3.65 21.10
CA VAL A 91 7.40 3.81 19.81
C VAL A 91 8.35 4.26 18.71
N PRO A 92 9.21 5.26 18.90
CA PRO A 92 10.10 5.65 17.81
C PRO A 92 11.03 4.54 17.35
N VAL A 93 11.53 3.72 18.28
CA VAL A 93 12.39 2.60 17.90
C VAL A 93 11.59 1.53 17.16
N LEU A 94 10.39 1.23 17.63
CA LEU A 94 9.57 0.26 16.92
C LEU A 94 9.28 0.76 15.50
N GLU A 95 9.05 2.07 15.35
CA GLU A 95 8.84 2.63 14.02
C GLU A 95 10.09 2.47 13.17
N LEU A 96 11.24 2.82 13.72
CA LEU A 96 12.52 2.61 13.05
C LEU A 96 12.64 1.18 12.55
N PHE A 97 12.40 0.22 13.45
CA PHE A 97 12.58 -1.19 13.10
C PHE A 97 11.53 -1.65 12.09
N SER A 98 10.27 -1.28 12.30
CA SER A 98 9.29 -1.80 11.37
C SER A 98 9.35 -1.09 10.02
N ASN A 99 10.20 -0.09 9.83
CA ASN A 99 10.38 0.45 8.48
C ASN A 99 11.41 -0.34 7.68
N ILE A 100 11.97 -1.40 8.26
CA ILE A 100 12.73 -2.40 7.51
C ILE A 100 11.73 -3.28 6.77
N TRP A 101 11.84 -3.36 5.45
CA TRP A 101 10.99 -4.26 4.68
C TRP A 101 11.19 -5.71 5.16
N GLY A 102 10.09 -6.37 5.50
CA GLY A 102 10.16 -7.74 5.98
C GLY A 102 10.07 -7.86 7.48
N ALA A 103 10.21 -6.76 8.20
CA ALA A 103 10.03 -6.72 9.65
C ALA A 103 8.76 -5.95 9.93
N GLY A 104 7.80 -6.62 10.60
CA GLY A 104 6.59 -5.99 11.05
C GLY A 104 6.61 -5.78 12.55
N THR A 105 5.42 -5.63 13.14
CA THR A 105 5.34 -5.29 14.55
CA THR A 105 5.33 -5.30 14.56
C THR A 105 5.92 -6.40 15.44
N LYS A 106 5.67 -7.68 15.13
CA LYS A 106 6.16 -8.74 16.04
C LYS A 106 7.68 -8.75 16.10
N THR A 107 8.32 -8.66 14.92
CA THR A 107 9.78 -8.63 14.87
C THR A 107 10.33 -7.37 15.52
N ALA A 108 9.70 -6.22 15.28
CA ALA A 108 10.17 -4.99 15.91
C ALA A 108 10.11 -5.11 17.43
N GLN A 109 9.01 -5.66 17.95
CA GLN A 109 8.86 -5.78 19.41
C GLN A 109 9.86 -6.76 19.99
N MET A 110 10.13 -7.84 19.26
CA MET A 110 11.10 -8.81 19.72
C MET A 110 12.50 -8.20 19.78
N TRP A 111 12.93 -7.55 18.70
CA TRP A 111 14.21 -6.85 18.75
C TRP A 111 14.25 -5.87 19.92
N TYR A 112 13.18 -5.11 20.12
CA TYR A 112 13.14 -4.17 21.24
C TYR A 112 13.33 -4.89 22.56
N GLN A 113 12.58 -5.98 22.76
CA GLN A 113 12.67 -6.72 24.02
C GLN A 113 14.08 -7.25 24.24
N GLN A 114 14.77 -7.61 23.17
CA GLN A 114 16.14 -8.11 23.23
C GLN A 114 17.15 -7.01 23.46
N GLY A 115 16.69 -5.75 23.49
CA GLY A 115 17.53 -4.63 23.85
C GLY A 115 18.07 -3.83 22.69
N PHE A 116 17.68 -4.11 21.48
CA PHE A 116 18.21 -3.33 20.38
C PHE A 116 17.45 -2.02 20.27
N ARG A 117 18.18 -0.96 19.92
CA ARG A 117 17.62 0.37 19.90
C ARG A 117 17.93 1.16 18.64
N SER A 118 18.81 0.67 17.77
CA SER A 118 19.28 1.42 16.62
C SER A 118 19.47 0.46 15.46
N LEU A 119 19.51 1.01 14.25
CA LEU A 119 19.81 0.15 13.12
C LEU A 119 21.24 -0.39 13.18
N GLU A 120 22.15 0.31 13.86
CA GLU A 120 23.48 -0.24 14.09
C GLU A 120 23.42 -1.49 14.95
N ASP A 121 22.60 -1.46 16.01
CA ASP A 121 22.35 -2.68 16.78
C ASP A 121 21.83 -3.81 15.90
N ILE A 122 20.89 -3.50 15.00
CA ILE A 122 20.32 -4.53 14.13
C ILE A 122 21.40 -5.09 13.21
N ARG A 123 22.11 -4.19 12.53
CA ARG A 123 23.16 -4.62 11.61
C ARG A 123 24.14 -5.55 12.30
N SER A 124 24.56 -5.19 13.51
CA SER A 124 25.67 -5.87 14.16
C SER A 124 25.24 -7.11 14.94
N GLN A 125 24.00 -7.17 15.42
CA GLN A 125 23.63 -8.17 16.42
C GLN A 125 22.37 -8.96 16.10
N ALA A 126 21.45 -8.45 15.29
CA ALA A 126 20.18 -9.15 15.11
C ALA A 126 20.29 -10.25 14.05
N SER A 127 19.49 -11.29 14.22
CA SER A 127 19.29 -12.28 13.17
C SER A 127 18.29 -11.74 12.17
N LEU A 128 18.67 -11.68 10.90
CA LEU A 128 17.82 -11.12 9.86
C LEU A 128 17.46 -12.20 8.85
N THR A 129 16.21 -12.18 8.41
CA THR A 129 15.84 -13.01 7.29
C THR A 129 16.51 -12.46 6.03
N THR A 130 16.53 -13.27 4.97
CA THR A 130 17.04 -12.79 3.70
C THR A 130 16.34 -11.51 3.26
N GLN A 131 15.02 -11.46 3.42
CA GLN A 131 14.27 -10.27 3.04
C GLN A 131 14.65 -9.06 3.89
N GLN A 132 14.75 -9.25 5.21
CA GLN A 132 15.06 -8.11 6.06
C GLN A 132 16.47 -7.58 5.81
N ALA A 133 17.44 -8.46 5.47
CA ALA A 133 18.77 -7.96 5.17
C ALA A 133 18.75 -7.05 3.93
N ILE A 134 17.89 -7.38 2.95
CA ILE A 134 17.77 -6.55 1.76
C ILE A 134 17.08 -5.23 2.11
N GLY A 135 16.06 -5.31 2.97
CA GLY A 135 15.37 -4.11 3.40
C GLY A 135 16.29 -3.19 4.19
N LEU A 136 17.13 -3.77 5.04
CA LEU A 136 18.07 -2.97 5.80
C LEU A 136 19.08 -2.31 4.86
N LYS A 137 19.58 -3.06 3.89
N LYS A 137 19.60 -3.07 3.90
CA LYS A 137 20.55 -2.53 2.95
CA LYS A 137 20.57 -2.51 2.97
C LYS A 137 20.00 -1.37 2.16
C LYS A 137 19.99 -1.34 2.19
N HIS A 138 18.68 -1.37 1.91
CA HIS A 138 18.01 -0.30 1.18
C HIS A 138 17.11 0.55 2.08
N TYR A 139 17.50 0.72 3.35
CA TYR A 139 16.58 1.35 4.29
C TYR A 139 16.16 2.74 3.83
N SER A 140 17.14 3.60 3.52
CA SER A 140 16.81 4.95 3.10
C SER A 140 16.09 4.93 1.76
N ASP A 141 16.59 4.12 0.82
CA ASP A 141 16.01 4.10 -0.52
C ASP A 141 14.54 3.73 -0.46
N PHE A 142 14.17 2.77 0.37
CA PHE A 142 12.78 2.34 0.39
C PHE A 142 11.88 3.32 1.10
N LEU A 143 12.41 4.34 1.79
CA LEU A 143 11.56 5.35 2.38
C LEU A 143 11.30 6.53 1.46
N GLU A 144 11.97 6.58 0.32
CA GLU A 144 11.87 7.71 -0.61
C GLU A 144 10.90 7.36 -1.71
N ARG A 145 10.24 8.38 -2.24
CA ARG A 145 9.35 8.20 -3.38
C ARG A 145 10.09 8.65 -4.63
N MET A 146 9.75 8.08 -5.71
CA MET A 146 10.41 8.46 -6.94
C MET A 146 9.52 9.40 -7.74
N PRO A 147 10.10 10.26 -8.58
CA PRO A 147 9.25 11.07 -9.47
C PRO A 147 8.53 10.17 -10.47
N ARG A 148 7.32 10.57 -10.86
CA ARG A 148 6.55 9.65 -11.69
C ARG A 148 7.23 9.39 -13.05
N GLU A 149 8.06 10.30 -13.55
CA GLU A 149 8.78 9.99 -14.79
C GLU A 149 9.71 8.80 -14.61
N GLU A 150 10.22 8.59 -13.39
CA GLU A 150 11.07 7.42 -13.16
C GLU A 150 10.24 6.15 -13.10
N ALA A 151 9.05 6.23 -12.51
CA ALA A 151 8.15 5.10 -12.58
C ALA A 151 7.86 4.71 -14.03
N THR A 152 7.67 5.70 -14.90
CA THR A 152 7.45 5.41 -16.30
C THR A 152 8.61 4.63 -16.89
N GLU A 153 9.83 5.08 -16.61
CA GLU A 153 11.02 4.39 -17.13
C GLU A 153 11.07 2.94 -16.64
N ILE A 154 10.67 2.71 -15.38
CA ILE A 154 10.71 1.36 -14.84
C ILE A 154 9.65 0.50 -15.49
N GLU A 155 8.44 1.04 -15.65
CA GLU A 155 7.37 0.34 -16.34
C GLU A 155 7.81 -0.05 -17.75
N GLN A 156 8.31 0.92 -18.50
CA GLN A 156 8.70 0.65 -19.88
C GLN A 156 9.89 -0.31 -19.95
N THR A 157 10.75 -0.33 -18.94
CA THR A 157 11.79 -1.36 -18.89
C THR A 157 11.16 -2.76 -18.79
N VAL A 158 10.23 -2.95 -17.86
CA VAL A 158 9.60 -4.25 -17.74
C VAL A 158 8.85 -4.60 -19.01
N GLN A 159 8.12 -3.64 -19.56
CA GLN A 159 7.30 -3.90 -20.74
C GLN A 159 8.14 -4.32 -21.93
N LYS A 160 9.26 -3.66 -22.17
CA LYS A 160 10.06 -4.03 -23.32
C LYS A 160 10.67 -5.43 -23.11
N ALA A 161 11.06 -5.73 -21.88
CA ALA A 161 11.57 -7.09 -21.64
C ALA A 161 10.48 -8.13 -21.82
N ALA A 162 9.25 -7.81 -21.40
CA ALA A 162 8.15 -8.75 -21.53
C ALA A 162 7.75 -8.92 -22.99
N GLN A 163 7.54 -7.81 -23.70
CA GLN A 163 7.08 -7.87 -25.08
C GLN A 163 8.12 -8.46 -26.02
N ALA A 164 9.40 -8.49 -25.62
CA ALA A 164 10.39 -9.20 -26.42
C ALA A 164 10.10 -10.69 -26.44
N PHE A 165 9.65 -11.24 -25.31
CA PHE A 165 9.28 -12.65 -25.26
C PHE A 165 8.00 -12.91 -26.06
N ASN A 166 6.95 -12.14 -25.78
CA ASN A 166 5.67 -12.25 -26.47
C ASN A 166 5.12 -10.85 -26.62
N SER A 167 4.97 -10.39 -27.87
CA SER A 167 4.56 -9.02 -28.12
C SER A 167 3.12 -8.74 -27.73
N GLY A 168 2.32 -9.79 -27.49
CA GLY A 168 0.96 -9.60 -27.05
C GLY A 168 0.77 -9.40 -25.56
N LEU A 169 1.84 -9.59 -24.77
CA LEU A 169 1.75 -9.34 -23.34
C LEU A 169 1.38 -7.88 -23.09
N LEU A 170 0.40 -7.68 -22.23
CA LEU A 170 -0.01 -6.34 -21.80
C LEU A 170 0.62 -6.06 -20.44
N CYS A 171 1.21 -4.88 -20.26
CA CYS A 171 1.87 -4.50 -19.03
C CYS A 171 1.45 -3.09 -18.61
N VAL A 172 1.00 -2.94 -17.37
CA VAL A 172 0.40 -1.70 -16.89
C VAL A 172 0.90 -1.42 -15.48
N ALA A 173 1.52 -0.27 -15.27
CA ALA A 173 1.88 0.15 -13.93
C ALA A 173 0.64 0.66 -13.23
N CYS A 174 0.36 0.21 -12.02
CA CYS A 174 -0.82 0.63 -11.29
C CYS A 174 -0.38 1.44 -10.07
N GLY A 175 -0.92 1.16 -8.89
CA GLY A 175 -0.64 2.01 -7.72
C GLY A 175 -0.89 3.50 -7.93
N SER A 176 -0.20 4.29 -7.10
CA SER A 176 -0.31 5.74 -7.19
C SER A 176 0.05 6.24 -8.58
N TYR A 177 0.86 5.50 -9.32
CA TYR A 177 1.23 5.94 -10.66
C TYR A 177 0.00 6.00 -11.56
N ARG A 178 -0.78 4.94 -11.57
CA ARG A 178 -2.00 4.94 -12.37
C ARG A 178 -3.00 5.96 -11.83
N ARG A 179 -2.95 6.27 -10.54
CA ARG A 179 -3.84 7.28 -10.02
C ARG A 179 -3.37 8.70 -10.31
N GLY A 180 -2.33 8.87 -11.13
CA GLY A 180 -1.91 10.18 -11.58
C GLY A 180 -1.00 10.96 -10.64
N LYS A 181 -0.48 10.33 -9.59
CA LYS A 181 0.26 11.08 -8.59
C LYS A 181 1.65 11.49 -9.11
N ALA A 182 2.20 12.55 -8.53
CA ALA A 182 3.46 13.10 -9.03
C ALA A 182 4.65 12.26 -8.59
N THR A 183 4.53 11.54 -7.48
CA THR A 183 5.58 10.66 -6.97
C THR A 183 4.99 9.30 -6.64
N CYS A 184 5.86 8.30 -6.59
CA CYS A 184 5.45 6.93 -6.35
C CYS A 184 6.40 6.28 -5.37
N GLY A 185 5.85 5.52 -4.41
CA GLY A 185 6.68 4.78 -3.47
C GLY A 185 7.25 3.50 -4.05
N ASP A 186 6.59 2.94 -5.04
CA ASP A 186 7.01 1.71 -5.70
C ASP A 186 6.24 1.64 -7.01
N VAL A 187 6.67 0.74 -7.89
CA VAL A 187 6.05 0.51 -9.19
C VAL A 187 5.43 -0.87 -9.18
N ASP A 188 4.14 -0.96 -9.46
CA ASP A 188 3.40 -2.23 -9.43
C ASP A 188 3.03 -2.56 -10.87
N VAL A 189 3.69 -3.53 -11.48
CA VAL A 189 3.47 -3.78 -12.89
C VAL A 189 2.60 -5.01 -13.03
N LEU A 190 1.40 -4.85 -13.59
CA LEU A 190 0.51 -5.97 -13.81
C LEU A 190 0.67 -6.41 -15.26
N ILE A 191 0.74 -7.72 -15.47
CA ILE A 191 0.92 -8.31 -16.79
C ILE A 191 -0.15 -9.34 -17.03
N THR A 192 -0.71 -9.34 -18.24
CA THR A 192 -1.67 -10.35 -18.65
C THR A 192 -1.51 -10.58 -20.15
N HIS A 193 -2.37 -11.45 -20.71
CA HIS A 193 -2.35 -11.75 -22.14
C HIS A 193 -3.78 -12.09 -22.53
N PRO A 194 -4.34 -11.47 -23.57
CA PRO A 194 -5.74 -11.75 -23.92
C PRO A 194 -5.99 -13.19 -24.32
N ASP A 195 -4.97 -13.91 -24.79
CA ASP A 195 -5.17 -15.31 -25.18
C ASP A 195 -5.55 -16.19 -23.99
N GLY A 196 -5.50 -15.67 -22.77
CA GLY A 196 -5.86 -16.43 -21.60
C GLY A 196 -4.87 -17.49 -21.18
N ARG A 197 -3.77 -17.65 -21.94
CA ARG A 197 -2.80 -18.73 -21.74
C ARG A 197 -1.36 -18.23 -21.67
N SER A 198 -0.94 -17.36 -22.59
CA SER A 198 0.48 -17.03 -22.73
C SER A 198 1.09 -16.39 -21.49
N HIS A 199 0.27 -15.86 -20.57
CA HIS A 199 0.80 -15.28 -19.35
C HIS A 199 1.51 -16.31 -18.48
N ARG A 200 1.27 -17.59 -18.69
CA ARG A 200 1.74 -18.60 -17.75
C ARG A 200 3.23 -18.87 -17.91
N GLY A 201 3.92 -18.93 -16.78
CA GLY A 201 5.30 -19.40 -16.74
C GLY A 201 6.29 -18.53 -17.49
N ILE A 202 6.07 -17.21 -17.49
CA ILE A 202 7.00 -16.31 -18.16
C ILE A 202 8.09 -15.78 -17.24
N PHE A 203 7.87 -15.82 -15.92
CA PHE A 203 8.85 -15.28 -14.98
C PHE A 203 10.24 -15.84 -15.24
N SER A 204 10.32 -17.16 -15.44
CA SER A 204 11.59 -17.76 -15.83
C SER A 204 12.33 -16.83 -16.80
N ARG A 205 11.71 -16.53 -17.94
CA ARG A 205 12.40 -15.75 -18.99
C ARG A 205 12.51 -14.29 -18.59
N LEU A 206 11.41 -13.71 -18.11
CA LEU A 206 11.34 -12.27 -17.91
C LEU A 206 12.31 -11.82 -16.83
N LEU A 207 12.30 -12.48 -15.68
CA LEU A 207 13.21 -12.10 -14.59
C LEU A 207 14.66 -12.34 -14.99
N ASP A 208 14.94 -13.40 -15.74
CA ASP A 208 16.30 -13.58 -16.23
C ASP A 208 16.72 -12.40 -17.08
N SER A 209 15.83 -11.96 -17.97
CA SER A 209 16.15 -10.86 -18.87
C SER A 209 16.46 -9.59 -18.08
N LEU A 210 15.59 -9.24 -17.14
CA LEU A 210 15.80 -8.03 -16.36
C LEU A 210 17.02 -8.15 -15.46
N ARG A 211 17.43 -9.37 -15.10
CA ARG A 211 18.64 -9.58 -14.33
C ARG A 211 19.88 -9.37 -15.21
N GLN A 212 19.86 -9.98 -16.40
CA GLN A 212 20.91 -9.80 -17.42
C GLN A 212 21.32 -8.37 -17.56
N GLU A 213 20.35 -7.47 -17.53
CA GLU A 213 20.57 -6.05 -17.65
C GLU A 213 21.48 -5.54 -16.54
N GLY A 214 21.32 -6.08 -15.34
CA GLY A 214 21.68 -5.39 -14.12
C GLY A 214 20.53 -4.58 -13.54
N PHE A 215 19.36 -4.62 -14.19
CA PHE A 215 18.22 -3.84 -13.76
C PHE A 215 17.69 -4.34 -12.41
N LEU A 216 17.53 -5.66 -12.27
CA LEU A 216 17.09 -6.21 -11.00
C LEU A 216 18.31 -6.38 -10.10
N THR A 217 18.22 -5.84 -8.90
CA THR A 217 19.35 -5.88 -7.96
C THR A 217 19.13 -6.83 -6.79
N ASP A 218 17.88 -7.04 -6.37
N ASP A 218 17.88 -7.05 -6.37
CA ASP A 218 17.56 -7.92 -5.26
CA ASP A 218 17.63 -8.03 -5.33
C ASP A 218 16.15 -8.47 -5.42
C ASP A 218 16.17 -8.48 -5.42
N ASP A 219 15.95 -9.74 -5.03
CA ASP A 219 14.63 -10.37 -5.01
C ASP A 219 14.13 -10.50 -3.58
N LEU A 220 12.93 -9.99 -3.33
CA LEU A 220 12.30 -10.15 -2.03
C LEU A 220 11.33 -11.34 -2.00
N VAL A 221 10.53 -11.48 -3.05
CA VAL A 221 9.57 -12.57 -3.17
C VAL A 221 9.64 -13.06 -4.61
N LYS A 222 9.81 -14.37 -4.80
CA LYS A 222 9.92 -14.95 -6.15
C LYS A 222 8.91 -16.08 -6.25
N GLY A 223 7.64 -15.71 -6.50
CA GLY A 223 6.54 -16.65 -6.50
C GLY A 223 6.07 -17.02 -7.91
N GLU A 224 5.09 -17.93 -7.93
CA GLU A 224 4.54 -18.41 -9.21
C GLU A 224 3.81 -17.31 -9.95
N THR A 225 3.12 -16.44 -9.22
CA THR A 225 2.33 -15.37 -9.81
C THR A 225 2.75 -13.97 -9.38
N LYS A 226 3.47 -13.82 -8.26
CA LYS A 226 3.93 -12.53 -7.75
C LYS A 226 5.47 -12.49 -7.68
N TYR A 227 6.05 -11.40 -8.18
CA TYR A 227 7.43 -11.06 -7.92
C TYR A 227 7.47 -9.71 -7.20
N LEU A 228 8.23 -9.65 -6.11
N LEU A 228 8.22 -9.65 -6.10
CA LEU A 228 8.53 -8.40 -5.42
CA LEU A 228 8.53 -8.40 -5.41
C LEU A 228 10.04 -8.30 -5.26
C LEU A 228 10.04 -8.31 -5.29
N GLY A 229 10.60 -7.18 -5.69
CA GLY A 229 12.03 -7.00 -5.62
C GLY A 229 12.47 -5.59 -5.75
N VAL A 230 13.67 -5.43 -6.29
CA VAL A 230 14.40 -4.18 -6.25
C VAL A 230 15.06 -3.97 -7.60
N CYS A 231 14.98 -2.76 -8.13
CA CYS A 231 15.58 -2.45 -9.41
C CYS A 231 16.33 -1.13 -9.31
N ARG A 232 17.16 -0.87 -10.31
CA ARG A 232 17.85 0.41 -10.42
C ARG A 232 18.12 0.68 -11.90
N LEU A 233 17.73 1.86 -12.36
CA LEU A 233 18.01 2.23 -13.72
C LEU A 233 19.49 2.56 -13.87
N PRO A 234 20.00 2.54 -15.10
CA PRO A 234 21.41 2.83 -15.33
C PRO A 234 21.70 4.32 -15.26
N GLY A 235 22.98 4.62 -15.02
CA GLY A 235 23.45 5.98 -15.01
C GLY A 235 23.77 6.46 -13.61
N PRO A 236 24.33 7.65 -13.51
CA PRO A 236 24.61 8.23 -12.18
C PRO A 236 23.36 8.74 -11.50
N GLY A 237 23.49 8.95 -10.19
CA GLY A 237 22.43 9.58 -9.43
C GLY A 237 21.15 8.78 -9.32
N ARG A 238 21.22 7.47 -9.49
CA ARG A 238 20.04 6.62 -9.40
C ARG A 238 19.95 5.96 -8.03
N ARG A 239 18.73 5.80 -7.57
CA ARG A 239 18.38 5.09 -6.35
C ARG A 239 17.85 3.70 -6.69
N HIS A 240 17.94 2.81 -5.70
CA HIS A 240 17.23 1.53 -5.76
C HIS A 240 15.76 1.76 -5.50
N ARG A 241 14.90 1.13 -6.31
CA ARG A 241 13.46 1.28 -6.22
C ARG A 241 12.74 -0.05 -6.05
N ARG A 242 11.66 -0.04 -5.29
CA ARG A 242 10.83 -1.22 -5.14
C ARG A 242 10.00 -1.44 -6.40
N LEU A 243 9.94 -2.70 -6.83
CA LEU A 243 9.22 -3.10 -8.03
C LEU A 243 8.53 -4.41 -7.76
N ASP A 244 7.24 -4.46 -8.09
CA ASP A 244 6.42 -5.66 -8.03
C ASP A 244 5.95 -5.96 -9.44
N ILE A 245 5.90 -7.25 -9.78
CA ILE A 245 5.40 -7.70 -11.07
C ILE A 245 4.39 -8.80 -10.78
N ILE A 246 3.15 -8.60 -11.21
CA ILE A 246 2.06 -9.53 -10.95
C ILE A 246 1.48 -10.00 -12.28
N VAL A 247 1.41 -11.31 -12.47
CA VAL A 247 0.89 -11.90 -13.69
C VAL A 247 -0.47 -12.50 -13.38
N VAL A 248 -1.46 -12.17 -14.20
CA VAL A 248 -2.84 -12.52 -13.91
C VAL A 248 -3.47 -13.08 -15.18
N PRO A 249 -4.35 -14.07 -15.05
CA PRO A 249 -5.14 -14.48 -16.21
C PRO A 249 -6.00 -13.32 -16.70
N TYR A 250 -6.26 -13.33 -18.01
CA TYR A 250 -6.95 -12.20 -18.62
C TYR A 250 -8.32 -11.96 -18.00
N SER A 251 -9.02 -13.03 -17.63
CA SER A 251 -10.37 -12.85 -17.08
C SER A 251 -10.35 -12.13 -15.74
N GLU A 252 -9.22 -12.12 -15.04
CA GLU A 252 -9.10 -11.43 -13.77
C GLU A 252 -8.49 -10.04 -13.91
N PHE A 253 -8.21 -9.62 -15.14
CA PHE A 253 -7.46 -8.39 -15.36
C PHE A 253 -8.19 -7.17 -14.79
N ALA A 254 -9.49 -7.06 -15.03
CA ALA A 254 -10.18 -5.86 -14.55
C ALA A 254 -10.17 -5.78 -13.03
N CYS A 255 -10.40 -6.89 -12.33
CA CYS A 255 -10.36 -6.83 -10.87
C CYS A 255 -8.94 -6.61 -10.34
N ALA A 256 -7.93 -7.14 -11.03
CA ALA A 256 -6.57 -6.89 -10.61
C ALA A 256 -6.20 -5.42 -10.79
N LEU A 257 -6.51 -4.87 -11.97
CA LEU A 257 -6.31 -3.45 -12.21
C LEU A 257 -6.90 -2.61 -11.07
N LEU A 258 -8.14 -2.88 -10.72
CA LEU A 258 -8.82 -2.12 -9.68
C LEU A 258 -8.10 -2.28 -8.34
N TYR A 259 -7.77 -3.52 -7.98
CA TYR A 259 -7.16 -3.74 -6.67
C TYR A 259 -5.80 -3.07 -6.58
N PHE A 260 -4.94 -3.34 -7.56
CA PHE A 260 -3.58 -2.85 -7.49
C PHE A 260 -3.46 -1.38 -7.83
N THR A 261 -4.52 -0.78 -8.39
CA THR A 261 -4.58 0.67 -8.50
C THR A 261 -5.01 1.31 -7.18
N GLY A 262 -5.87 0.66 -6.41
CA GLY A 262 -6.21 1.23 -5.11
C GLY A 262 -6.94 2.55 -5.28
N SER A 263 -6.83 3.43 -4.29
CA SER A 263 -5.97 3.26 -3.12
C SER A 263 -6.47 2.19 -2.16
N ALA A 264 -5.66 1.91 -1.13
CA ALA A 264 -6.04 0.90 -0.15
C ALA A 264 -7.36 1.26 0.54
N HIS A 265 -7.57 2.55 0.83
N HIS A 265 -7.56 2.55 0.85
CA HIS A 265 -8.80 2.95 1.49
CA HIS A 265 -8.79 2.98 1.49
C HIS A 265 -9.99 2.91 0.53
C HIS A 265 -9.97 2.85 0.52
N PHE A 266 -9.74 3.17 -0.75
CA PHE A 266 -10.79 3.00 -1.75
C PHE A 266 -11.19 1.53 -1.85
N ASN A 267 -10.20 0.64 -1.97
CA ASN A 267 -10.53 -0.78 -2.02
C ASN A 267 -11.34 -1.20 -0.82
N ARG A 268 -10.95 -0.71 0.36
CA ARG A 268 -11.66 -1.03 1.59
C ARG A 268 -13.12 -0.60 1.53
N SER A 269 -13.39 0.61 1.01
CA SER A 269 -14.76 1.08 0.85
C SER A 269 -15.53 0.20 -0.13
N MET A 270 -14.86 -0.21 -1.22
CA MET A 270 -15.50 -1.07 -2.22
C MET A 270 -15.83 -2.44 -1.67
N ARG A 271 -14.95 -3.02 -0.84
CA ARG A 271 -15.25 -4.31 -0.25
C ARG A 271 -16.48 -4.21 0.65
N ALA A 272 -16.57 -3.14 1.44
CA ALA A 272 -17.73 -2.99 2.31
C ALA A 272 -19.00 -2.82 1.50
N LEU A 273 -18.97 -1.98 0.47
CA LEU A 273 -20.14 -1.84 -0.38
C LEU A 273 -20.56 -3.18 -0.94
N ALA A 274 -19.60 -3.95 -1.44
CA ALA A 274 -19.91 -5.28 -1.96
C ALA A 274 -20.63 -6.10 -0.90
N LYS A 275 -20.13 -6.08 0.35
CA LYS A 275 -20.74 -6.86 1.41
C LYS A 275 -22.20 -6.45 1.61
N THR A 276 -22.53 -5.16 1.53
CA THR A 276 -23.91 -4.75 1.70
C THR A 276 -24.82 -5.31 0.60
N LYS A 277 -24.25 -5.71 -0.53
CA LYS A 277 -25.03 -6.25 -1.64
C LYS A 277 -24.89 -7.77 -1.76
N GLY A 278 -24.37 -8.42 -0.72
CA GLY A 278 -24.21 -9.86 -0.78
C GLY A 278 -23.17 -10.33 -1.76
N MET A 279 -22.15 -9.52 -2.04
CA MET A 279 -21.09 -9.90 -2.95
C MET A 279 -19.76 -9.77 -2.25
N SER A 280 -18.72 -10.24 -2.93
CA SER A 280 -17.35 -10.17 -2.46
C SER A 280 -16.49 -9.62 -3.58
N LEU A 281 -15.50 -8.80 -3.22
CA LEU A 281 -14.59 -8.23 -4.21
C LEU A 281 -13.16 -8.47 -3.75
N SER A 282 -12.38 -9.16 -4.59
CA SER A 282 -10.95 -9.35 -4.34
C SER A 282 -10.15 -8.93 -5.57
N GLU A 283 -8.83 -9.02 -5.46
CA GLU A 283 -7.95 -8.78 -6.59
C GLU A 283 -8.21 -9.74 -7.74
N HIS A 284 -8.92 -10.85 -7.49
CA HIS A 284 -9.20 -11.81 -8.55
C HIS A 284 -10.60 -11.68 -9.13
N ALA A 285 -11.59 -11.25 -8.36
CA ALA A 285 -12.94 -11.30 -8.92
C ALA A 285 -13.95 -10.60 -8.03
N LEU A 286 -15.08 -10.25 -8.66
CA LEU A 286 -16.29 -9.84 -7.98
C LEU A 286 -17.23 -11.04 -8.00
N SER A 287 -17.66 -11.48 -6.82
CA SER A 287 -18.44 -12.70 -6.68
C SER A 287 -19.67 -12.46 -5.80
N THR A 288 -20.62 -13.40 -5.88
CA THR A 288 -21.64 -13.55 -4.84
C THR A 288 -21.04 -14.29 -3.63
N ALA A 289 -21.75 -14.25 -2.50
CA ALA A 289 -21.23 -14.83 -1.27
C ALA A 289 -22.37 -15.15 -0.32
N VAL A 290 -22.10 -16.07 0.61
CA VAL A 290 -23.07 -16.46 1.63
C VAL A 290 -22.84 -15.69 2.93
N PRO A 301 -19.34 -22.26 -2.91
CA PRO A 301 -18.36 -21.20 -2.62
C PRO A 301 -18.90 -19.80 -2.91
N GLY A 302 -19.44 -19.63 -4.10
CA GLY A 302 -19.83 -18.33 -4.62
C GLY A 302 -19.60 -18.31 -6.12
N ARG A 303 -20.34 -17.41 -6.78
CA ARG A 303 -20.31 -17.31 -8.23
C ARG A 303 -19.48 -16.10 -8.63
N VAL A 304 -18.42 -16.34 -9.41
CA VAL A 304 -17.68 -15.24 -10.00
C VAL A 304 -18.52 -14.60 -11.09
N LEU A 305 -18.72 -13.30 -10.99
CA LEU A 305 -19.44 -12.54 -12.00
C LEU A 305 -18.48 -12.07 -13.08
N PRO A 306 -18.92 -11.94 -14.33
CA PRO A 306 -18.01 -11.55 -15.41
C PRO A 306 -17.77 -10.05 -15.43
N THR A 307 -16.50 -9.66 -15.34
CA THR A 307 -16.09 -8.26 -15.27
C THR A 307 -14.94 -8.06 -16.26
N PRO A 308 -15.25 -7.91 -17.55
CA PRO A 308 -14.16 -7.70 -18.54
C PRO A 308 -13.48 -6.35 -18.43
N THR A 309 -14.06 -5.38 -17.72
CA THR A 309 -13.45 -4.07 -17.58
C THR A 309 -13.76 -3.53 -16.18
N GLU A 310 -12.96 -2.54 -15.76
CA GLU A 310 -13.22 -1.91 -14.48
C GLU A 310 -14.62 -1.33 -14.42
N LYS A 311 -15.11 -0.81 -15.54
CA LYS A 311 -16.45 -0.25 -15.57
C LYS A 311 -17.48 -1.28 -15.11
N ASP A 312 -17.30 -2.55 -15.50
CA ASP A 312 -18.28 -3.57 -15.14
C ASP A 312 -18.33 -3.81 -13.64
N VAL A 313 -17.19 -3.67 -12.95
CA VAL A 313 -17.19 -3.84 -11.51
C VAL A 313 -18.07 -2.78 -10.87
N PHE A 314 -17.88 -1.53 -11.25
CA PHE A 314 -18.70 -0.45 -10.71
C PHE A 314 -20.17 -0.69 -11.03
N ARG A 315 -20.46 -1.02 -12.29
CA ARG A 315 -21.84 -1.20 -12.71
C ARG A 315 -22.54 -2.29 -11.90
N LEU A 316 -21.84 -3.41 -11.67
CA LEU A 316 -22.45 -4.51 -10.93
C LEU A 316 -22.60 -4.19 -9.45
N LEU A 317 -21.82 -3.25 -8.95
CA LEU A 317 -22.01 -2.77 -7.59
C LEU A 317 -23.05 -1.64 -7.52
N GLY A 318 -23.68 -1.27 -8.63
CA GLY A 318 -24.60 -0.15 -8.62
C GLY A 318 -23.95 1.19 -8.35
N LEU A 319 -22.70 1.34 -8.77
CA LEU A 319 -21.92 2.54 -8.55
C LEU A 319 -21.57 3.19 -9.88
N PRO A 320 -21.44 4.50 -9.92
CA PRO A 320 -20.93 5.15 -11.13
C PRO A 320 -19.41 5.03 -11.22
N TYR A 321 -18.92 4.94 -12.45
CA TYR A 321 -17.50 4.74 -12.71
C TYR A 321 -16.67 5.89 -12.16
N ARG A 322 -15.55 5.56 -11.51
CA ARG A 322 -14.56 6.52 -11.07
C ARG A 322 -13.25 6.20 -11.79
N GLU A 323 -12.69 7.17 -12.51
CA GLU A 323 -11.41 6.91 -13.15
C GLU A 323 -10.33 6.80 -12.08
N PRO A 324 -9.16 6.25 -12.40
CA PRO A 324 -8.16 6.02 -11.35
C PRO A 324 -7.84 7.24 -10.51
N ALA A 325 -7.78 8.43 -11.10
CA ALA A 325 -7.32 9.59 -10.35
C ALA A 325 -8.29 9.99 -9.25
N GLU A 326 -9.56 9.63 -9.32
CA GLU A 326 -10.41 9.96 -8.19
C GLU A 326 -10.73 8.77 -7.33
N ARG A 327 -9.79 7.83 -7.25
CA ARG A 327 -9.80 6.76 -6.26
C ARG A 327 -8.70 6.95 -5.23
N ASP A 328 -8.05 8.12 -5.22
CA ASP A 328 -6.88 8.34 -4.37
C ASP A 328 -7.40 8.79 -3.01
N TRP A 329 -7.90 7.81 -2.26
CA TRP A 329 -8.50 8.04 -0.96
C TRP A 329 -7.50 7.75 0.15
NA NA E . 8.42 -3.41 7.67
NA NA F . 4.05 -2.44 -4.58
NA NA G . -20.14 9.52 13.70
MG MG H . 2.39 0.75 -5.58
C1 EDO I . 9.89 0.71 3.51
O1 EDO I . 9.81 -0.54 4.13
C2 EDO I . 8.70 1.57 3.89
C1 EDO J . 22.77 -8.74 2.21
O1 EDO J . 21.67 -8.39 1.43
C2 EDO J . 23.90 -7.72 2.04
C1 EDO K . -10.41 -2.45 -18.33
O1 EDO K . -10.65 -1.63 -17.21
C2 EDO K . -9.84 -3.80 -17.89
O2 EDO K . -9.94 -4.72 -18.95
C1 EDO L . 20.81 6.51 -3.13
O1 EDO L . 20.97 5.93 -1.86
C2 EDO L . 22.15 7.06 -3.62
P PO4 M . 2.23 3.59 -3.80
O1 PO4 M . 2.94 2.49 -3.05
O2 PO4 M . 3.20 4.24 -4.75
O3 PO4 M . 1.09 2.93 -4.57
O4 PO4 M . 1.67 4.65 -2.89
#